data_7V45
#
_entry.id   7V45
#
_cell.length_a   111.036
_cell.length_b   111.036
_cell.length_c   80.708
_cell.angle_alpha   90.000
_cell.angle_beta   90.000
_cell.angle_gamma   120.000
#
_symmetry.space_group_name_H-M   'P 32 2 1'
#
loop_
_entity.id
_entity.type
_entity.pdbx_description
1 polymer 'p450tol monooxygenase'
2 non-polymer 1-bromanyl-4-methyl-benzene
3 non-polymer 'PROTOPORPHYRIN IX CONTAINING FE'
4 non-polymer 'PHOSPHATE ION'
5 water water
#
_entity_poly.entity_id   1
_entity_poly.type   'polypeptide(L)'
_entity_poly.pdbx_seq_one_letter_code
;MTTVESNTTAAIPDEIARQIVLPEGHKDNVPLFEAYRWLRENQPLGQARVEGYDPLWLITKYADLMEVERQPQIFAAGGG
EDKGSNNPILANQAGDEFTRQLLGGNLRILDALPYLDQPEHSVVKDVAFDWFRPANLKKWEDRIRETARASIDRLLAGGP
DLDAVQEFAVFFPLRVIMSLFGVPEEDEPRMMALTQDFFGVADPDAQRDDIEALSPDAAAQQWAATIADFYAYFDVLVES
RRAEPRDDLATLIAVAKDENGEYFPKTFAYGWFVAIATAGHDTTASTLAGCLQSLAAHPEVLDRVKGDPDLIPDLVNESL
RIVSPVKHFTRVALQDYEMRGQKIKAGDRLMLLFQSGNRDAEVFDRPDDFDIDRRPNKHIAFGYGPHMCIGQHLAKLELK
VMLQELLPHLERVEVSGEPKLIQTNFVGGLRKLPVHLTFS
;
_entity_poly.pdbx_strand_id   A
#
# COMPACT_ATOMS: atom_id res chain seq x y z
N ALA A 10 -28.86 -2.50 12.39
CA ALA A 10 -28.07 -3.35 13.34
C ALA A 10 -26.57 -3.33 12.95
N ALA A 11 -25.74 -3.76 13.88
CA ALA A 11 -24.31 -3.99 13.66
C ALA A 11 -24.18 -4.97 12.50
N ILE A 12 -23.04 -4.93 11.81
CA ILE A 12 -22.71 -5.98 10.84
C ILE A 12 -22.65 -7.33 11.55
N PRO A 13 -23.10 -8.41 10.92
CA PRO A 13 -22.96 -9.71 11.55
C PRO A 13 -21.50 -10.05 11.89
N ASP A 14 -21.34 -10.69 13.02
CA ASP A 14 -20.04 -10.85 13.65
C ASP A 14 -19.08 -11.52 12.70
N GLU A 15 -19.38 -12.59 11.96
CA GLU A 15 -18.28 -13.24 11.23
C GLU A 15 -17.89 -12.44 9.99
N ILE A 16 -18.84 -11.70 9.42
CA ILE A 16 -18.50 -10.79 8.28
C ILE A 16 -17.58 -9.68 8.81
N ALA A 17 -17.91 -9.10 9.94
CA ALA A 17 -17.13 -8.03 10.56
C ALA A 17 -15.72 -8.53 10.86
N ARG A 18 -15.56 -9.70 11.47
CA ARG A 18 -14.27 -10.23 11.81
C ARG A 18 -13.44 -10.48 10.55
N GLN A 19 -14.09 -10.99 9.49
CA GLN A 19 -13.38 -11.34 8.26
C GLN A 19 -12.59 -10.12 7.73
N ILE A 20 -13.17 -8.96 7.89
CA ILE A 20 -12.58 -7.72 7.30
C ILE A 20 -11.69 -6.99 8.31
N VAL A 21 -12.10 -6.96 9.57
CA VAL A 21 -11.36 -6.21 10.59
C VAL A 21 -10.10 -6.97 11.00
N LEU A 22 -10.22 -8.25 11.30
CA LEU A 22 -9.07 -8.99 11.82
C LEU A 22 -8.06 -9.26 10.73
N PRO A 23 -6.76 -9.07 11.00
CA PRO A 23 -5.76 -9.42 10.01
C PRO A 23 -5.88 -10.86 9.50
N GLU A 24 -6.23 -11.79 10.38
CA GLU A 24 -6.37 -13.20 9.99
C GLU A 24 -7.45 -13.38 8.95
N GLY A 25 -8.44 -12.49 8.92
CA GLY A 25 -9.51 -12.52 7.95
C GLY A 25 -9.02 -12.37 6.53
N HIS A 26 -7.83 -11.83 6.36
CA HIS A 26 -7.24 -11.49 5.04
C HIS A 26 -6.26 -12.57 4.59
N LYS A 27 -6.13 -13.69 5.33
CA LYS A 27 -5.13 -14.73 5.00
CA LYS A 27 -5.08 -14.64 4.95
C LYS A 27 -5.41 -15.30 3.61
N ASP A 28 -6.67 -15.43 3.26
CA ASP A 28 -7.19 -16.03 2.00
CA ASP A 28 -7.13 -16.01 1.97
C ASP A 28 -8.11 -15.03 1.31
N ASN A 29 -7.80 -14.69 0.08
CA ASN A 29 -8.65 -13.71 -0.62
C ASN A 29 -10.08 -14.17 -0.81
N VAL A 30 -10.35 -15.46 -1.03
CA VAL A 30 -11.73 -15.83 -1.40
C VAL A 30 -12.71 -15.45 -0.30
N PRO A 31 -12.55 -15.88 0.95
CA PRO A 31 -13.52 -15.53 1.98
C PRO A 31 -13.57 -14.01 2.29
N LEU A 32 -12.39 -13.39 2.17
CA LEU A 32 -12.32 -11.92 2.37
C LEU A 32 -13.21 -11.21 1.33
N PHE A 33 -13.01 -11.51 0.06
CA PHE A 33 -13.75 -10.79 -0.99
C PHE A 33 -15.23 -11.15 -0.97
N GLU A 34 -15.52 -12.39 -0.51
CA GLU A 34 -16.93 -12.74 -0.36
C GLU A 34 -17.57 -11.93 0.75
N ALA A 35 -16.82 -11.56 1.83
CA ALA A 35 -17.33 -10.73 2.92
C ALA A 35 -17.55 -9.29 2.39
N TYR A 36 -16.61 -8.78 1.64
CA TYR A 36 -16.83 -7.43 1.07
C TYR A 36 -18.10 -7.47 0.21
N ARG A 37 -18.23 -8.50 -0.62
CA ARG A 37 -19.42 -8.60 -1.52
C ARG A 37 -20.72 -8.71 -0.74
N TRP A 38 -20.72 -9.50 0.32
CA TRP A 38 -21.94 -9.63 1.15
C TRP A 38 -22.35 -8.25 1.65
N LEU A 39 -21.39 -7.49 2.15
CA LEU A 39 -21.72 -6.13 2.60
C LEU A 39 -22.26 -5.25 1.44
N ARG A 40 -21.52 -5.17 0.35
CA ARG A 40 -21.96 -4.30 -0.78
C ARG A 40 -23.40 -4.64 -1.17
N GLU A 41 -23.77 -5.92 -1.09
CA GLU A 41 -25.11 -6.34 -1.57
C GLU A 41 -26.16 -6.29 -0.47
N ASN A 42 -25.83 -6.39 0.80
CA ASN A 42 -26.78 -6.54 1.91
C ASN A 42 -26.68 -5.47 2.97
N GLN A 43 -25.50 -4.86 3.16
CA GLN A 43 -25.30 -3.91 4.26
C GLN A 43 -24.15 -3.02 3.85
N PRO A 44 -24.34 -2.19 2.82
CA PRO A 44 -23.22 -1.49 2.20
C PRO A 44 -22.58 -0.51 3.17
N LEU A 45 -23.28 0.05 4.12
CA LEU A 45 -22.71 0.96 5.12
C LEU A 45 -23.25 0.57 6.49
N GLY A 46 -22.51 -0.26 7.15
CA GLY A 46 -22.77 -0.74 8.50
C GLY A 46 -21.59 -0.57 9.42
N GLN A 47 -21.82 -0.72 10.69
CA GLN A 47 -20.78 -0.59 11.71
C GLN A 47 -20.34 -1.97 12.17
N ALA A 48 -19.09 -2.29 12.01
CA ALA A 48 -18.44 -3.49 12.57
C ALA A 48 -18.11 -3.18 14.01
N ARG A 49 -18.49 -4.08 14.93
CA ARG A 49 -18.21 -3.98 16.37
C ARG A 49 -17.49 -5.23 16.77
N VAL A 50 -16.21 -5.32 16.49
CA VAL A 50 -15.40 -6.52 16.71
C VAL A 50 -14.74 -6.36 18.07
N GLU A 51 -14.73 -7.43 18.87
CA GLU A 51 -14.12 -7.38 20.21
C GLU A 51 -12.65 -6.99 20.06
N GLY A 52 -12.22 -6.02 20.88
CA GLY A 52 -10.83 -5.60 20.83
C GLY A 52 -10.56 -4.46 19.88
N TYR A 53 -11.56 -4.03 19.12
CA TYR A 53 -11.44 -2.92 18.15
C TYR A 53 -12.47 -1.88 18.47
N ASP A 54 -12.17 -0.64 18.11
CA ASP A 54 -13.22 0.40 18.09
C ASP A 54 -14.28 0.02 17.08
N PRO A 55 -15.51 0.51 17.25
CA PRO A 55 -16.54 0.40 16.21
C PRO A 55 -16.04 1.09 14.94
N LEU A 56 -16.34 0.47 13.81
CA LEU A 56 -15.88 0.99 12.49
C LEU A 56 -17.02 0.93 11.50
N TRP A 57 -17.30 2.07 10.86
CA TRP A 57 -18.13 2.04 9.64
C TRP A 57 -17.31 1.46 8.53
N LEU A 58 -17.75 0.39 7.90
CA LEU A 58 -17.02 -0.28 6.81
C LEU A 58 -17.49 0.34 5.49
N ILE A 59 -16.61 1.09 4.86
CA ILE A 59 -16.94 1.83 3.63
C ILE A 59 -16.60 0.91 2.50
N THR A 60 -17.63 0.25 1.97
CA THR A 60 -17.52 -0.82 0.99
C THR A 60 -17.84 -0.40 -0.46
N LYS A 61 -18.52 0.73 -0.62
CA LYS A 61 -19.02 1.13 -1.94
C LYS A 61 -18.12 2.18 -2.55
N TYR A 62 -17.88 2.06 -3.85
CA TYR A 62 -17.03 3.00 -4.59
C TYR A 62 -17.50 4.45 -4.40
N ALA A 63 -18.79 4.72 -4.54
CA ALA A 63 -19.25 6.11 -4.46
C ALA A 63 -19.00 6.65 -3.06
N ASP A 64 -19.14 5.81 -2.04
CA ASP A 64 -18.97 6.23 -0.65
C ASP A 64 -17.50 6.48 -0.33
N LEU A 65 -16.61 5.72 -0.90
CA LEU A 65 -15.17 6.02 -0.74
C LEU A 65 -14.84 7.41 -1.26
N MET A 66 -15.40 7.75 -2.43
CA MET A 66 -15.14 9.08 -2.99
C MET A 66 -15.76 10.12 -2.09
N GLU A 67 -17.00 9.92 -1.64
CA GLU A 67 -17.71 10.92 -0.83
C GLU A 67 -16.96 11.22 0.47
N VAL A 68 -16.39 10.19 1.05
CA VAL A 68 -15.62 10.40 2.31
C VAL A 68 -14.30 11.10 2.02
N GLU A 69 -13.57 10.61 1.03
CA GLU A 69 -12.23 11.12 0.81
C GLU A 69 -12.19 12.55 0.27
N ARG A 70 -13.23 12.98 -0.44
CA ARG A 70 -13.23 14.35 -0.96
C ARG A 70 -13.67 15.36 0.10
N GLN A 71 -13.94 14.91 1.32
CA GLN A 71 -14.42 15.82 2.38
C GLN A 71 -13.50 15.73 3.61
N PRO A 72 -12.22 16.08 3.47
CA PRO A 72 -11.30 16.04 4.61
C PRO A 72 -11.68 17.00 5.76
N GLN A 73 -12.49 18.02 5.53
CA GLN A 73 -12.91 18.94 6.62
C GLN A 73 -13.93 18.18 7.49
N ILE A 74 -14.53 17.10 7.01
CA ILE A 74 -15.52 16.28 7.78
C ILE A 74 -14.88 14.99 8.26
N PHE A 75 -14.08 14.33 7.44
CA PHE A 75 -13.49 13.01 7.73
C PHE A 75 -11.97 13.15 7.77
N ALA A 76 -11.46 13.22 8.99
CA ALA A 76 -10.03 13.44 9.22
C ALA A 76 -9.26 12.14 9.25
N ALA A 77 -7.98 12.20 8.97
CA ALA A 77 -7.04 11.06 9.02
C ALA A 77 -6.38 10.95 10.37
N GLY A 78 -5.93 12.08 10.94
CA GLY A 78 -5.14 12.09 12.18
C GLY A 78 -5.90 12.62 13.34
N GLY A 79 -7.13 13.11 13.18
CA GLY A 79 -7.95 13.69 14.24
C GLY A 79 -8.07 15.17 14.19
N GLY A 80 -7.67 15.81 13.11
CA GLY A 80 -7.86 17.27 13.02
C GLY A 80 -6.92 18.00 13.95
N GLU A 81 -7.44 19.04 14.60
CA GLU A 81 -6.59 19.91 15.42
C GLU A 81 -6.05 19.16 16.65
N ASP A 82 -6.73 18.11 17.08
CA ASP A 82 -6.22 17.21 18.16
C ASP A 82 -5.33 16.18 17.46
N LYS A 83 -4.12 16.57 17.20
CA LYS A 83 -3.24 15.84 16.29
C LYS A 83 -2.88 14.50 16.89
N GLY A 84 -2.99 13.42 16.14
CA GLY A 84 -2.69 12.10 16.67
C GLY A 84 -3.82 11.49 17.45
N SER A 85 -5.02 12.06 17.47
CA SER A 85 -6.12 11.46 18.20
C SER A 85 -6.78 10.35 17.43
N ASN A 86 -6.48 10.22 16.12
CA ASN A 86 -6.94 9.05 15.32
C ASN A 86 -5.71 8.40 14.70
N ASN A 87 -5.72 7.07 14.74
CA ASN A 87 -4.71 6.28 14.01
C ASN A 87 -5.20 6.03 12.61
N PRO A 88 -4.53 6.56 11.57
CA PRO A 88 -5.01 6.36 10.19
C PRO A 88 -4.84 4.90 9.74
N ILE A 89 -4.10 4.07 10.47
CA ILE A 89 -3.82 2.68 10.07
C ILE A 89 -4.39 1.82 11.14
N LEU A 90 -5.33 0.96 10.90
CA LEU A 90 -6.12 0.33 11.98
C LEU A 90 -5.23 -0.54 12.84
N ALA A 91 -5.08 -0.17 14.06
CA ALA A 91 -4.59 -1.04 15.15
C ALA A 91 -5.76 -1.48 15.98
N ASN A 92 -5.56 -2.57 16.72
CA ASN A 92 -6.52 -2.93 17.76
C ASN A 92 -6.43 -1.94 18.91
N GLN A 93 -7.39 -2.03 19.81
CA GLN A 93 -7.46 -1.09 20.94
C GLN A 93 -6.22 -1.22 21.82
N ALA A 94 -5.78 -2.45 22.07
CA ALA A 94 -4.61 -2.66 22.92
C ALA A 94 -3.42 -2.01 22.28
N GLY A 95 -3.32 -2.11 20.97
CA GLY A 95 -2.21 -1.50 20.24
C GLY A 95 -2.22 -0.01 20.28
N ASP A 96 -3.37 0.63 20.09
CA ASP A 96 -3.44 2.08 20.26
C ASP A 96 -3.12 2.49 21.70
N GLU A 97 -3.49 1.67 22.68
CA GLU A 97 -3.12 2.00 24.07
C GLU A 97 -1.60 1.89 24.25
N PHE A 98 -0.95 0.89 23.67
CA PHE A 98 0.50 0.81 23.72
C PHE A 98 1.12 2.08 23.16
N THR A 99 0.63 2.51 22.00
CA THR A 99 1.20 3.68 21.33
C THR A 99 0.95 4.94 22.14
N ARG A 100 -0.22 5.09 22.74
CA ARG A 100 -0.44 6.24 23.60
C ARG A 100 0.48 6.19 24.81
N GLN A 101 0.81 5.05 25.34
CA GLN A 101 1.79 4.96 26.46
C GLN A 101 3.14 5.41 25.94
N LEU A 102 3.57 4.93 24.78
CA LEU A 102 4.90 5.23 24.25
C LEU A 102 5.01 6.71 23.93
N LEU A 103 4.02 7.32 23.24
CA LEU A 103 4.12 8.71 22.77
C LEU A 103 3.61 9.71 23.78
N GLY A 104 2.83 9.30 24.73
CA GLY A 104 2.25 10.22 25.72
C GLY A 104 0.93 10.80 25.29
N GLY A 105 -0.05 9.95 25.02
CA GLY A 105 -1.42 10.44 24.83
C GLY A 105 -1.95 10.51 23.43
N ASN A 106 -1.13 10.19 22.45
CA ASN A 106 -1.59 10.27 21.05
C ASN A 106 -0.97 9.15 20.26
N LEU A 107 -1.38 9.10 18.99
CA LEU A 107 -1.10 7.98 18.09
C LEU A 107 -0.24 8.39 16.91
N ARG A 108 0.26 9.63 16.87
CA ARG A 108 1.01 10.15 15.71
C ARG A 108 2.45 9.65 15.83
N ILE A 109 2.66 8.39 15.44
CA ILE A 109 3.96 7.69 15.60
C ILE A 109 4.85 7.98 14.41
N LEU A 110 4.28 8.48 13.30
CA LEU A 110 5.06 9.02 12.16
C LEU A 110 4.52 10.40 11.83
N ASP A 111 5.40 11.23 11.27
CA ASP A 111 5.00 12.52 10.66
C ASP A 111 4.80 12.36 9.13
N ALA A 112 4.55 11.18 8.67
CA ALA A 112 4.28 10.81 7.27
C ALA A 112 2.88 11.33 6.90
N LEU A 113 2.69 11.55 5.59
CA LEU A 113 1.41 12.08 5.09
C LEU A 113 0.18 11.37 5.64
N PRO A 114 0.08 10.03 5.80
CA PRO A 114 -1.20 9.49 6.24
C PRO A 114 -1.71 9.99 7.58
N TYR A 115 -0.77 10.48 8.42
CA TYR A 115 -1.07 10.91 9.80
C TYR A 115 -1.47 12.38 9.86
N LEU A 116 -1.37 13.09 8.74
CA LEU A 116 -1.56 14.56 8.71
C LEU A 116 -2.93 14.94 8.18
N ASP A 117 -3.43 16.06 8.67
CA ASP A 117 -4.66 16.67 8.16
C ASP A 117 -4.30 18.05 7.63
N GLN A 118 -5.21 18.61 6.84
CA GLN A 118 -4.97 19.96 6.28
C GLN A 118 -5.11 21.00 7.38
N PRO A 119 -4.37 22.11 7.33
CA PRO A 119 -3.45 22.42 6.25
C PRO A 119 -2.02 21.84 6.33
N GLU A 120 -1.67 21.25 7.48
CA GLU A 120 -0.33 20.67 7.62
C GLU A 120 -0.03 19.66 6.51
N HIS A 121 -1.00 18.79 6.21
CA HIS A 121 -0.84 17.78 5.14
C HIS A 121 -0.46 18.45 3.83
N SER A 122 -1.11 19.58 3.54
CA SER A 122 -0.90 20.26 2.24
C SER A 122 0.51 20.83 2.18
N VAL A 123 0.96 21.45 3.27
CA VAL A 123 2.32 22.05 3.29
C VAL A 123 3.33 20.97 3.14
N VAL A 124 3.18 19.87 3.87
CA VAL A 124 4.20 18.81 3.81
C VAL A 124 4.19 18.16 2.41
N LYS A 125 3.04 17.85 1.91
CA LYS A 125 2.95 17.14 0.61
C LYS A 125 3.60 17.96 -0.51
N ASP A 126 3.47 19.28 -0.38
CA ASP A 126 4.07 20.14 -1.44
C ASP A 126 5.60 20.00 -1.49
N VAL A 127 6.29 19.49 -0.48
CA VAL A 127 7.76 19.26 -0.56
C VAL A 127 8.09 18.35 -1.75
N ALA A 128 7.18 17.32 -2.03
CA ALA A 128 7.49 16.30 -3.05
C ALA A 128 6.43 16.27 -4.17
N PHE A 129 5.34 16.99 -4.14
CA PHE A 129 4.22 16.91 -5.13
C PHE A 129 4.79 16.97 -6.58
N ASP A 130 5.62 17.99 -6.85
CA ASP A 130 6.11 18.18 -8.23
C ASP A 130 7.02 17.04 -8.63
N TRP A 131 7.86 16.51 -7.75
CA TRP A 131 8.82 15.43 -8.05
C TRP A 131 8.07 14.20 -8.59
N PHE A 132 6.88 13.96 -8.03
CA PHE A 132 6.11 12.76 -8.32
C PHE A 132 5.14 12.93 -9.50
N ARG A 133 5.07 14.10 -10.13
CA ARG A 133 4.20 14.26 -11.31
C ARG A 133 4.78 13.51 -12.51
N PRO A 134 3.87 13.04 -13.39
CA PRO A 134 4.34 12.19 -14.50
C PRO A 134 5.44 12.85 -15.34
N ALA A 135 5.33 14.12 -15.66
CA ALA A 135 6.34 14.72 -16.58
C ALA A 135 7.69 14.78 -15.89
N ASN A 136 7.74 14.85 -14.56
CA ASN A 136 8.98 14.97 -13.81
C ASN A 136 9.60 13.60 -13.51
N LEU A 137 8.83 12.54 -13.75
CA LEU A 137 9.35 11.18 -13.63
C LEU A 137 9.94 10.67 -14.95
N LYS A 138 9.70 11.34 -16.09
CA LYS A 138 10.20 10.80 -17.39
C LYS A 138 11.73 10.72 -17.38
N LYS A 139 12.41 11.60 -16.66
CA LYS A 139 13.88 11.61 -16.59
C LYS A 139 14.43 10.30 -15.96
N TRP A 140 13.58 9.54 -15.26
CA TRP A 140 14.06 8.29 -14.62
C TRP A 140 13.73 7.08 -15.48
N GLU A 141 13.01 7.22 -16.58
CA GLU A 141 12.51 6.06 -17.33
C GLU A 141 13.67 5.21 -17.84
N ASP A 142 14.75 5.80 -18.34
CA ASP A 142 15.84 4.95 -18.88
C ASP A 142 16.52 4.17 -17.74
N ARG A 143 16.74 4.77 -16.58
CA ARG A 143 17.34 4.03 -15.45
C ARG A 143 16.37 2.92 -15.03
N ILE A 144 15.08 3.21 -15.01
CA ILE A 144 14.09 2.17 -14.60
C ILE A 144 14.19 1.00 -15.56
N ARG A 145 14.29 1.28 -16.86
CA ARG A 145 14.34 0.26 -17.90
C ARG A 145 15.64 -0.55 -17.79
N GLU A 146 16.75 0.11 -17.46
CA GLU A 146 18.01 -0.65 -17.28
C GLU A 146 17.88 -1.56 -16.07
N THR A 147 17.24 -1.08 -15.01
CA THR A 147 17.03 -1.92 -13.82
C THR A 147 16.10 -3.10 -14.17
N ALA A 148 15.00 -2.91 -14.88
CA ALA A 148 14.12 -3.99 -15.33
C ALA A 148 14.92 -5.03 -16.15
N ARG A 149 15.74 -4.54 -17.07
CA ARG A 149 16.46 -5.43 -18.01
C ARG A 149 17.46 -6.26 -17.20
N ALA A 150 18.13 -5.68 -16.20
CA ALA A 150 19.09 -6.44 -15.35
C ALA A 150 18.31 -7.51 -14.59
N SER A 151 17.14 -7.18 -14.09
CA SER A 151 16.30 -8.13 -13.32
C SER A 151 15.86 -9.28 -14.22
N ILE A 152 15.50 -8.98 -15.46
CA ILE A 152 15.03 -9.97 -16.44
C ILE A 152 16.23 -10.86 -16.82
N ASP A 153 17.41 -10.27 -16.98
CA ASP A 153 18.63 -11.07 -17.35
C ASP A 153 18.82 -12.12 -16.25
N ARG A 154 18.64 -11.76 -14.98
CA ARG A 154 18.82 -12.70 -13.85
C ARG A 154 17.70 -13.75 -13.85
N LEU A 155 16.46 -13.39 -14.13
CA LEU A 155 15.33 -14.33 -14.26
C LEU A 155 15.66 -15.37 -15.32
N LEU A 156 16.10 -14.94 -16.49
CA LEU A 156 16.37 -15.87 -17.62
C LEU A 156 17.51 -16.78 -17.17
N ALA A 157 18.52 -16.26 -16.50
CA ALA A 157 19.73 -17.03 -16.11
C ALA A 157 19.36 -18.08 -15.06
N GLY A 158 18.33 -17.84 -14.24
CA GLY A 158 17.97 -18.75 -13.14
C GLY A 158 17.04 -19.86 -13.57
N GLY A 159 16.58 -19.90 -14.81
CA GLY A 159 15.73 -20.98 -15.29
C GLY A 159 14.25 -20.76 -14.99
N PRO A 160 13.41 -21.74 -15.39
CA PRO A 160 11.98 -21.54 -15.48
C PRO A 160 11.20 -21.69 -14.17
N ASP A 161 11.84 -22.30 -13.17
CA ASP A 161 11.14 -22.63 -11.90
C ASP A 161 11.64 -21.77 -10.76
N LEU A 162 10.71 -20.99 -10.17
CA LEU A 162 11.10 -20.02 -9.12
C LEU A 162 9.83 -19.58 -8.40
N ASP A 163 10.07 -18.94 -7.27
CA ASP A 163 9.04 -18.11 -6.61
C ASP A 163 9.08 -16.74 -7.29
N ALA A 164 8.04 -16.47 -8.08
CA ALA A 164 7.97 -15.18 -8.81
C ALA A 164 7.92 -13.98 -7.87
N VAL A 165 7.68 -14.17 -6.57
CA VAL A 165 7.73 -13.03 -5.62
C VAL A 165 9.16 -12.89 -5.12
N GLN A 166 9.59 -13.76 -4.18
CA GLN A 166 10.85 -13.54 -3.46
C GLN A 166 12.07 -13.70 -4.36
N GLU A 167 11.91 -14.41 -5.51
CA GLU A 167 13.07 -14.65 -6.39
C GLU A 167 12.99 -13.78 -7.63
N PHE A 168 12.02 -12.86 -7.74
CA PHE A 168 11.98 -11.97 -8.93
C PHE A 168 11.32 -10.62 -8.58
N ALA A 169 10.02 -10.64 -8.33
CA ALA A 169 9.22 -9.37 -8.29
C ALA A 169 9.71 -8.43 -7.22
N VAL A 170 10.17 -8.92 -6.08
CA VAL A 170 10.54 -7.99 -4.99
C VAL A 170 11.73 -7.09 -5.33
N PHE A 171 12.64 -7.55 -6.17
CA PHE A 171 13.95 -6.89 -6.30
C PHE A 171 13.85 -5.63 -7.15
N PHE A 172 13.12 -5.66 -8.26
CA PHE A 172 13.09 -4.53 -9.22
C PHE A 172 12.57 -3.27 -8.56
N PRO A 173 11.40 -3.26 -7.90
CA PRO A 173 10.91 -1.99 -7.36
C PRO A 173 11.78 -1.48 -6.22
N LEU A 174 12.37 -2.41 -5.47
CA LEU A 174 13.26 -2.01 -4.36
C LEU A 174 14.52 -1.32 -4.94
N ARG A 175 15.10 -1.88 -5.87
CA ARG A 175 16.26 -1.28 -6.56
C ARG A 175 15.88 0.08 -7.15
N VAL A 176 14.78 0.17 -7.80
CA VAL A 176 14.38 1.47 -8.41
C VAL A 176 14.31 2.50 -7.31
N ILE A 177 13.56 2.23 -6.24
CA ILE A 177 13.40 3.30 -5.22
C ILE A 177 14.70 3.62 -4.47
N MET A 178 15.52 2.63 -4.16
CA MET A 178 16.78 2.89 -3.47
C MET A 178 17.74 3.67 -4.38
N SER A 179 17.67 3.44 -5.69
CA SER A 179 18.55 4.19 -6.61
C SER A 179 18.08 5.66 -6.64
N LEU A 180 16.79 5.89 -6.71
CA LEU A 180 16.21 7.26 -6.72
C LEU A 180 16.47 7.96 -5.39
N PHE A 181 16.54 7.29 -4.22
CA PHE A 181 17.10 7.90 -2.96
C PHE A 181 18.59 8.21 -3.00
N GLY A 182 19.42 7.34 -3.55
CA GLY A 182 20.88 7.36 -3.39
C GLY A 182 21.30 6.39 -2.29
N VAL A 183 20.37 5.59 -1.75
CA VAL A 183 20.70 4.48 -0.77
C VAL A 183 21.58 3.51 -1.54
N PRO A 184 22.78 3.15 -1.05
CA PRO A 184 23.63 2.18 -1.74
C PRO A 184 22.96 0.80 -1.86
N GLU A 185 23.31 0.06 -2.91
CA GLU A 185 22.75 -1.27 -3.21
C GLU A 185 22.96 -2.20 -2.02
N GLU A 186 24.07 -2.08 -1.31
CA GLU A 186 24.39 -3.00 -0.19
C GLU A 186 23.37 -2.82 0.96
N ASP A 187 22.62 -1.72 1.00
CA ASP A 187 21.60 -1.50 2.06
C ASP A 187 20.25 -2.06 1.65
N GLU A 188 20.10 -2.60 0.46
CA GLU A 188 18.77 -3.11 0.04
C GLU A 188 18.29 -4.24 0.95
N PRO A 189 19.11 -5.24 1.34
CA PRO A 189 18.60 -6.28 2.20
C PRO A 189 18.02 -5.80 3.54
N ARG A 190 18.63 -4.80 4.13
CA ARG A 190 18.15 -4.24 5.41
C ARG A 190 16.80 -3.54 5.19
N MET A 191 16.70 -2.78 4.12
CA MET A 191 15.44 -2.06 3.78
C MET A 191 14.37 -3.08 3.48
N MET A 192 14.72 -4.19 2.85
CA MET A 192 13.70 -5.23 2.56
C MET A 192 13.24 -5.92 3.86
N ALA A 193 14.17 -6.23 4.73
CA ALA A 193 13.85 -6.88 6.01
C ALA A 193 12.98 -5.96 6.86
N LEU A 194 13.31 -4.70 6.96
CA LEU A 194 12.46 -3.79 7.76
C LEU A 194 11.11 -3.59 7.09
N THR A 195 11.00 -3.61 5.77
CA THR A 195 9.68 -3.52 5.13
C THR A 195 8.86 -4.73 5.49
N GLN A 196 9.45 -5.92 5.49
CA GLN A 196 8.70 -7.13 5.92
C GLN A 196 8.24 -6.98 7.38
N ASP A 197 9.07 -6.45 8.23
CA ASP A 197 8.65 -6.23 9.64
C ASP A 197 7.49 -5.25 9.69
N PHE A 198 7.54 -4.21 8.89
CA PHE A 198 6.57 -3.09 8.88
C PHE A 198 5.20 -3.53 8.41
N PHE A 199 5.13 -4.28 7.30
CA PHE A 199 3.85 -4.74 6.75
C PHE A 199 3.46 -6.12 7.28
N GLY A 200 4.33 -6.75 8.08
CA GLY A 200 4.07 -8.10 8.63
C GLY A 200 3.69 -8.10 10.09
N VAL A 201 3.31 -6.95 10.64
CA VAL A 201 3.06 -6.84 12.09
C VAL A 201 2.08 -7.84 12.61
N ALA A 202 1.17 -8.34 11.83
CA ALA A 202 0.16 -9.31 12.23
C ALA A 202 0.29 -10.60 11.46
N ASP A 203 1.37 -10.82 10.77
CA ASP A 203 1.53 -12.04 9.98
C ASP A 203 2.33 -13.02 10.83
N PRO A 204 1.93 -14.29 10.90
CA PRO A 204 2.60 -15.20 11.82
C PRO A 204 4.04 -15.54 11.44
N ASP A 205 4.36 -15.37 10.18
CA ASP A 205 5.70 -15.73 9.71
C ASP A 205 6.62 -14.53 9.58
N ALA A 206 6.16 -13.35 10.06
CA ALA A 206 6.94 -12.12 9.91
C ALA A 206 7.17 -11.47 11.28
N GLN A 207 7.09 -12.20 12.38
CA GLN A 207 7.23 -11.63 13.72
C GLN A 207 8.68 -11.29 14.02
N ARG A 208 8.92 -10.13 14.57
CA ARG A 208 10.28 -9.77 15.02
C ARG A 208 10.66 -10.56 16.27
N ASP A 209 11.96 -10.69 16.44
CA ASP A 209 12.50 -11.48 17.60
C ASP A 209 12.49 -10.64 18.87
N ASP A 210 12.41 -9.34 18.80
CA ASP A 210 12.56 -8.44 19.95
C ASP A 210 11.22 -7.96 20.51
N ILE A 211 10.08 -8.56 20.11
CA ILE A 211 8.77 -8.15 20.65
C ILE A 211 8.08 -9.40 21.21
N GLU A 212 7.19 -9.18 22.16
CA GLU A 212 6.37 -10.30 22.70
C GLU A 212 5.28 -10.64 21.68
N ALA A 213 5.48 -11.68 20.91
CA ALA A 213 4.66 -11.99 19.73
C ALA A 213 3.21 -12.26 20.11
N LEU A 214 2.99 -12.77 21.33
CA LEU A 214 1.62 -13.18 21.72
C LEU A 214 0.90 -12.12 22.54
N SER A 215 1.54 -11.00 22.83
CA SER A 215 0.90 -9.91 23.60
CA SER A 215 0.93 -9.89 23.60
C SER A 215 -0.26 -9.33 22.83
N PRO A 216 -1.28 -8.80 23.52
CA PRO A 216 -2.44 -8.23 22.85
C PRO A 216 -2.07 -7.03 21.97
N ASP A 217 -0.96 -6.42 22.27
CA ASP A 217 -0.44 -5.22 21.56
C ASP A 217 0.75 -5.55 20.68
N ALA A 218 0.94 -6.82 20.36
CA ALA A 218 2.16 -7.22 19.62
C ALA A 218 2.36 -6.43 18.33
N ALA A 219 1.30 -6.31 17.53
CA ALA A 219 1.46 -5.67 16.20
C ALA A 219 1.93 -4.24 16.43
N ALA A 220 1.35 -3.55 17.41
CA ALA A 220 1.75 -2.17 17.70
C ALA A 220 3.19 -2.08 18.21
N GLN A 221 3.60 -3.06 19.03
CA GLN A 221 5.01 -3.09 19.44
C GLN A 221 5.94 -3.30 18.25
N GLN A 222 5.53 -4.19 17.34
CA GLN A 222 6.35 -4.40 16.15
C GLN A 222 6.43 -3.18 15.25
N TRP A 223 5.30 -2.52 15.07
CA TRP A 223 5.25 -1.28 14.27
C TRP A 223 6.26 -0.29 14.86
N ALA A 224 6.17 -0.07 16.16
CA ALA A 224 7.05 0.92 16.84
C ALA A 224 8.53 0.51 16.72
N ALA A 225 8.81 -0.77 16.93
CA ALA A 225 10.22 -1.25 16.91
C ALA A 225 10.80 -1.00 15.53
N THR A 226 10.01 -1.32 14.49
CA THR A 226 10.47 -1.18 13.12
C THR A 226 10.71 0.29 12.80
N ILE A 227 9.79 1.15 13.22
CA ILE A 227 9.97 2.59 12.98
C ILE A 227 11.26 3.07 13.63
N ALA A 228 11.55 2.63 14.85
CA ALA A 228 12.78 3.07 15.53
C ALA A 228 14.00 2.64 14.73
N ASP A 229 14.00 1.45 14.15
CA ASP A 229 15.14 1.01 13.31
C ASP A 229 15.21 1.89 12.08
N PHE A 230 14.07 2.21 11.47
CA PHE A 230 14.13 3.09 10.28
C PHE A 230 14.70 4.47 10.67
N TYR A 231 14.28 4.99 11.79
CA TYR A 231 14.75 6.33 12.25
C TYR A 231 16.28 6.34 12.40
N ALA A 232 16.82 5.28 12.98
CA ALA A 232 18.28 5.20 13.18
C ALA A 232 18.99 5.23 11.84
N TYR A 233 18.45 4.54 10.86
CA TYR A 233 19.07 4.51 9.52
C TYR A 233 18.90 5.86 8.82
N PHE A 234 17.70 6.44 8.93
CA PHE A 234 17.42 7.68 8.19
C PHE A 234 18.02 8.90 8.87
N ASP A 235 18.29 8.88 10.16
CA ASP A 235 18.98 10.03 10.80
C ASP A 235 20.34 10.25 10.13
N VAL A 236 21.09 9.18 9.90
CA VAL A 236 22.41 9.30 9.22
C VAL A 236 22.23 9.84 7.81
N LEU A 237 21.18 9.37 7.01
CA LEU A 237 20.99 9.81 5.63
C LEU A 237 20.59 11.29 5.62
N VAL A 238 19.68 11.72 6.50
CA VAL A 238 19.26 13.15 6.58
C VAL A 238 20.50 14.00 6.86
N GLU A 239 21.31 13.58 7.82
CA GLU A 239 22.46 14.45 8.22
C GLU A 239 23.41 14.48 7.03
N SER A 240 23.65 13.35 6.39
CA SER A 240 24.56 13.24 5.24
C SER A 240 24.14 14.18 4.11
N ARG A 241 22.86 14.23 3.74
CA ARG A 241 22.39 15.03 2.59
C ARG A 241 22.30 16.52 2.97
N ARG A 242 21.99 16.85 4.24
CA ARG A 242 21.98 18.27 4.70
C ARG A 242 23.41 18.82 4.58
N ALA A 243 24.40 17.99 4.86
CA ALA A 243 25.82 18.42 4.91
C ALA A 243 26.37 18.44 3.49
N GLU A 244 25.93 17.50 2.66
CA GLU A 244 26.43 17.33 1.28
C GLU A 244 25.26 16.96 0.37
N PRO A 245 24.46 17.95 -0.05
CA PRO A 245 23.33 17.73 -0.95
C PRO A 245 23.75 17.07 -2.27
N ARG A 246 22.93 16.14 -2.72
CA ARG A 246 23.10 15.43 -4.01
C ARG A 246 21.86 15.66 -4.84
N ASP A 247 21.87 15.20 -6.08
CA ASP A 247 20.71 15.34 -6.98
C ASP A 247 19.87 14.07 -6.87
N ASP A 248 19.26 13.87 -5.69
CA ASP A 248 18.50 12.62 -5.44
C ASP A 248 17.28 12.96 -4.56
N LEU A 249 16.39 12.00 -4.42
CA LEU A 249 15.11 12.24 -3.72
C LEU A 249 15.42 12.38 -2.23
N ALA A 250 16.41 11.66 -1.71
CA ALA A 250 16.81 11.81 -0.29
C ALA A 250 17.13 13.27 -0.03
N THR A 251 17.80 13.96 -0.96
CA THR A 251 18.19 15.36 -0.65
C THR A 251 16.97 16.27 -0.65
N LEU A 252 16.10 16.12 -1.62
CA LEU A 252 14.85 16.93 -1.72
C LEU A 252 14.13 16.84 -0.37
N ILE A 253 13.97 15.64 0.14
CA ILE A 253 13.28 15.40 1.46
C ILE A 253 14.15 15.99 2.59
N ALA A 254 15.43 15.67 2.63
CA ALA A 254 16.29 15.98 3.82
C ALA A 254 16.48 17.48 4.01
N VAL A 255 16.53 18.23 2.92
CA VAL A 255 16.87 19.69 3.04
C VAL A 255 15.62 20.55 3.03
N ALA A 256 14.44 19.96 3.00
CA ALA A 256 13.18 20.71 2.84
C ALA A 256 13.04 21.72 3.99
N LYS A 257 12.68 22.93 3.61
CA LYS A 257 12.45 24.02 4.59
C LYS A 257 11.01 24.52 4.48
N ASP A 258 10.53 25.02 5.60
CA ASP A 258 9.21 25.63 5.70
C ASP A 258 9.24 27.09 5.18
N GLU A 259 8.09 27.73 5.28
CA GLU A 259 7.88 29.11 4.74
C GLU A 259 8.74 30.12 5.51
N ASN A 260 9.24 29.81 6.70
CA ASN A 260 10.13 30.69 7.49
C ASN A 260 11.61 30.39 7.23
N GLY A 261 11.98 29.52 6.28
CA GLY A 261 13.39 29.17 6.02
C GLY A 261 13.99 28.24 7.05
N GLU A 262 13.17 27.57 7.88
CA GLU A 262 13.69 26.59 8.86
C GLU A 262 13.47 25.19 8.27
N TYR A 263 14.44 24.33 8.48
CA TYR A 263 14.21 22.91 8.12
C TYR A 263 12.91 22.48 8.77
N PHE A 264 12.13 21.67 8.04
CA PHE A 264 11.13 20.87 8.77
C PHE A 264 11.84 19.98 9.79
N PRO A 265 11.21 19.68 10.93
CA PRO A 265 11.79 18.76 11.90
C PRO A 265 12.24 17.48 11.22
N LYS A 266 13.31 16.84 11.70
CA LYS A 266 13.89 15.66 11.05
C LYS A 266 12.87 14.54 10.95
N THR A 267 11.94 14.40 11.89
CA THR A 267 10.94 13.32 11.81
C THR A 267 10.07 13.50 10.54
N PHE A 268 9.99 14.68 9.97
CA PHE A 268 9.18 14.80 8.73
C PHE A 268 9.93 14.14 7.58
N ALA A 269 11.22 14.30 7.58
CA ALA A 269 12.03 13.62 6.56
C ALA A 269 11.96 12.13 6.82
N TYR A 270 12.04 11.76 8.09
CA TYR A 270 11.95 10.32 8.41
C TYR A 270 10.65 9.71 7.86
N GLY A 271 9.52 10.45 8.05
CA GLY A 271 8.19 10.01 7.59
C GLY A 271 8.13 9.78 6.10
N TRP A 272 8.65 10.71 5.34
CA TRP A 272 8.74 10.50 3.88
C TRP A 272 9.58 9.27 3.59
N PHE A 273 10.69 9.13 4.30
CA PHE A 273 11.61 8.02 4.01
C PHE A 273 11.00 6.70 4.37
N VAL A 274 10.29 6.62 5.49
CA VAL A 274 9.64 5.33 5.86
C VAL A 274 8.59 4.99 4.79
N ALA A 275 7.79 5.96 4.37
CA ALA A 275 6.73 5.66 3.38
C ALA A 275 7.37 5.22 2.08
N ILE A 276 8.37 5.94 1.61
CA ILE A 276 8.92 5.63 0.27
C ILE A 276 9.74 4.34 0.35
N ALA A 277 10.37 4.02 1.46
CA ALA A 277 11.22 2.83 1.62
C ALA A 277 10.39 1.55 1.85
N THR A 278 9.08 1.66 2.04
CA THR A 278 8.20 0.52 2.31
C THR A 278 7.12 0.46 1.24
N ALA A 279 6.14 1.32 1.29
CA ALA A 279 5.09 1.39 0.25
C ALA A 279 5.72 1.69 -1.11
N GLY A 280 6.81 2.40 -1.16
CA GLY A 280 7.47 2.76 -2.43
C GLY A 280 7.90 1.59 -3.26
N HIS A 281 8.06 0.41 -2.70
CA HIS A 281 8.44 -0.79 -3.46
C HIS A 281 7.49 -1.95 -3.25
N ASP A 282 6.98 -2.16 -2.06
CA ASP A 282 6.25 -3.39 -1.78
C ASP A 282 4.95 -3.51 -2.60
N THR A 283 4.25 -2.40 -2.76
CA THR A 283 2.96 -2.36 -3.48
C THR A 283 3.18 -2.68 -4.98
N THR A 284 4.22 -2.15 -5.54
CA THR A 284 4.57 -2.42 -6.94
C THR A 284 4.95 -3.88 -7.09
N ALA A 285 5.72 -4.41 -6.16
CA ALA A 285 6.09 -5.84 -6.21
C ALA A 285 4.82 -6.69 -6.17
N SER A 286 3.90 -6.42 -5.27
CA SER A 286 2.64 -7.16 -5.13
C SER A 286 1.84 -7.11 -6.41
N THR A 287 1.76 -5.93 -7.00
CA THR A 287 0.96 -5.74 -8.23
C THR A 287 1.62 -6.52 -9.39
N LEU A 288 2.92 -6.47 -9.49
CA LEU A 288 3.63 -7.24 -10.55
C LEU A 288 3.37 -8.73 -10.34
N ALA A 289 3.51 -9.23 -9.11
CA ALA A 289 3.29 -10.65 -8.85
C ALA A 289 1.85 -11.01 -9.13
N GLY A 290 0.87 -10.20 -8.73
CA GLY A 290 -0.52 -10.43 -9.01
C GLY A 290 -0.81 -10.47 -10.50
N CYS A 291 -0.17 -9.57 -11.24
CA CYS A 291 -0.31 -9.55 -12.71
C CYS A 291 0.17 -10.91 -13.26
N LEU A 292 1.32 -11.37 -12.84
CA LEU A 292 1.81 -12.69 -13.33
C LEU A 292 0.82 -13.77 -12.97
N GLN A 293 0.26 -13.78 -11.78
CA GLN A 293 -0.73 -14.77 -11.37
C GLN A 293 -1.93 -14.71 -12.30
N SER A 294 -2.41 -13.52 -12.64
CA SER A 294 -3.56 -13.37 -13.53
C SER A 294 -3.20 -13.80 -14.96
N LEU A 295 -1.99 -13.57 -15.39
CA LEU A 295 -1.58 -14.02 -16.76
C LEU A 295 -1.56 -15.54 -16.78
N ALA A 296 -1.25 -16.19 -15.68
CA ALA A 296 -1.29 -17.68 -15.62
C ALA A 296 -2.73 -18.14 -15.71
N ALA A 297 -3.69 -17.47 -15.10
CA ALA A 297 -5.10 -17.87 -15.15
C ALA A 297 -5.71 -17.54 -16.51
N HIS A 298 -5.12 -16.54 -17.21
CA HIS A 298 -5.74 -15.96 -18.43
C HIS A 298 -4.66 -15.92 -19.49
N PRO A 299 -4.17 -17.07 -19.99
CA PRO A 299 -3.05 -17.08 -20.92
C PRO A 299 -3.33 -16.31 -22.21
N GLU A 300 -4.61 -16.16 -22.55
CA GLU A 300 -5.06 -15.43 -23.77
C GLU A 300 -4.72 -13.93 -23.60
N VAL A 301 -4.68 -13.48 -22.35
CA VAL A 301 -4.33 -12.05 -22.13
C VAL A 301 -2.84 -11.86 -22.39
N LEU A 302 -2.02 -12.77 -21.92
CA LEU A 302 -0.58 -12.69 -22.23
C LEU A 302 -0.39 -12.68 -23.76
N ASP A 303 -1.06 -13.59 -24.45
CA ASP A 303 -0.92 -13.63 -25.93
C ASP A 303 -1.31 -12.27 -26.53
N ARG A 304 -2.43 -11.72 -26.09
CA ARG A 304 -2.91 -10.43 -26.64
C ARG A 304 -1.91 -9.30 -26.37
N VAL A 305 -1.38 -9.22 -25.16
CA VAL A 305 -0.47 -8.10 -24.82
C VAL A 305 0.88 -8.27 -25.51
N LYS A 306 1.28 -9.49 -25.81
CA LYS A 306 2.53 -9.66 -26.56
C LYS A 306 2.27 -9.22 -28.01
N GLY A 307 1.04 -9.41 -28.48
CA GLY A 307 0.61 -9.03 -29.84
C GLY A 307 0.45 -7.53 -29.95
N ASP A 308 0.09 -6.85 -28.84
CA ASP A 308 -0.12 -5.38 -28.86
C ASP A 308 0.44 -4.77 -27.58
N PRO A 309 1.73 -4.45 -27.52
CA PRO A 309 2.37 -3.91 -26.32
C PRO A 309 1.70 -2.62 -25.87
N ASP A 310 0.92 -1.91 -26.68
CA ASP A 310 0.17 -0.71 -26.23
C ASP A 310 -0.97 -1.07 -25.28
N LEU A 311 -1.32 -2.34 -25.15
CA LEU A 311 -2.27 -2.83 -24.11
C LEU A 311 -1.57 -2.85 -22.74
N ILE A 312 -0.27 -2.66 -22.64
CA ILE A 312 0.41 -2.82 -21.31
C ILE A 312 -0.23 -1.88 -20.30
N PRO A 313 -0.41 -0.57 -20.54
CA PRO A 313 -1.03 0.26 -19.51
C PRO A 313 -2.40 -0.26 -19.11
N ASP A 314 -3.24 -0.84 -19.96
CA ASP A 314 -4.54 -1.39 -19.62
C ASP A 314 -4.30 -2.59 -18.67
N LEU A 315 -3.34 -3.43 -18.98
CA LEU A 315 -3.00 -4.60 -18.15
C LEU A 315 -2.58 -4.05 -16.76
N VAL A 316 -1.75 -3.04 -16.72
CA VAL A 316 -1.35 -2.46 -15.39
C VAL A 316 -2.59 -2.01 -14.66
N ASN A 317 -3.49 -1.27 -15.28
CA ASN A 317 -4.64 -0.72 -14.60
C ASN A 317 -5.51 -1.83 -14.07
N GLU A 318 -5.70 -2.92 -14.83
CA GLU A 318 -6.56 -4.01 -14.37
C GLU A 318 -5.85 -4.80 -13.28
N SER A 319 -4.56 -4.94 -13.32
CA SER A 319 -3.78 -5.57 -12.23
C SER A 319 -3.98 -4.71 -10.98
N LEU A 320 -3.91 -3.41 -11.07
CA LEU A 320 -4.07 -2.54 -9.88
C LEU A 320 -5.44 -2.73 -9.34
N ARG A 321 -6.48 -2.79 -10.15
CA ARG A 321 -7.85 -2.90 -9.65
C ARG A 321 -8.03 -4.25 -8.94
N ILE A 322 -7.56 -5.35 -9.57
CA ILE A 322 -7.78 -6.70 -9.03
C ILE A 322 -6.92 -6.89 -7.76
N VAL A 323 -5.66 -6.49 -7.77
CA VAL A 323 -4.72 -6.78 -6.64
C VAL A 323 -5.03 -5.82 -5.48
N SER A 324 -5.20 -4.53 -5.80
CA SER A 324 -5.56 -3.49 -4.81
C SER A 324 -4.80 -3.75 -3.49
N PRO A 325 -3.45 -3.72 -3.48
CA PRO A 325 -2.70 -4.17 -2.31
C PRO A 325 -2.82 -3.33 -1.05
N VAL A 326 -3.16 -2.05 -1.22
CA VAL A 326 -3.36 -1.17 -0.04
C VAL A 326 -4.85 -1.29 0.31
N LYS A 327 -5.14 -1.95 1.42
CA LYS A 327 -6.54 -2.37 1.71
C LYS A 327 -7.38 -1.31 2.42
N HIS A 328 -6.74 -0.43 3.17
CA HIS A 328 -7.52 0.58 3.89
C HIS A 328 -6.62 1.62 4.52
N PHE A 329 -7.27 2.74 4.78
CA PHE A 329 -6.86 3.72 5.81
C PHE A 329 -8.14 4.03 6.61
N THR A 330 -7.98 4.62 7.79
CA THR A 330 -9.14 4.96 8.63
C THR A 330 -9.31 6.47 8.68
N ARG A 331 -10.55 6.84 8.91
CA ARG A 331 -10.92 8.25 9.12
C ARG A 331 -11.73 8.38 10.37
N VAL A 332 -11.84 9.58 10.89
CA VAL A 332 -12.74 9.90 11.99
C VAL A 332 -13.63 11.05 11.59
N ALA A 333 -14.91 10.93 11.90
CA ALA A 333 -15.90 11.98 11.61
C ALA A 333 -15.67 13.11 12.61
N LEU A 334 -15.52 14.32 12.11
CA LEU A 334 -15.34 15.50 12.99
C LEU A 334 -16.70 16.12 13.31
N GLN A 335 -17.76 15.68 12.67
CA GLN A 335 -19.15 16.14 12.93
C GLN A 335 -20.04 14.99 12.54
N ASP A 336 -21.30 15.01 12.99
CA ASP A 336 -22.27 14.03 12.54
C ASP A 336 -22.47 14.18 11.03
N TYR A 337 -22.74 13.07 10.35
CA TYR A 337 -22.84 13.09 8.89
C TYR A 337 -23.76 11.96 8.45
N GLU A 338 -24.73 12.25 7.58
CA GLU A 338 -25.64 11.22 7.08
C GLU A 338 -25.20 10.75 5.71
N MET A 339 -25.09 9.43 5.53
CA MET A 339 -24.71 8.86 4.24
C MET A 339 -25.45 7.54 4.08
N ARG A 340 -26.04 7.31 2.91
CA ARG A 340 -26.66 6.02 2.55
C ARG A 340 -27.66 5.61 3.64
N GLY A 341 -28.42 6.60 4.16
CA GLY A 341 -29.49 6.32 5.15
C GLY A 341 -28.94 5.99 6.54
N GLN A 342 -27.63 6.20 6.80
CA GLN A 342 -27.04 5.92 8.12
C GLN A 342 -26.58 7.21 8.76
N LYS A 343 -26.58 7.29 10.07
CA LYS A 343 -26.14 8.47 10.82
C LYS A 343 -24.78 8.18 11.45
N ILE A 344 -23.74 8.64 10.77
CA ILE A 344 -22.37 8.60 11.34
C ILE A 344 -22.29 9.69 12.37
N LYS A 345 -21.83 9.38 13.56
CA LYS A 345 -21.75 10.36 14.66
C LYS A 345 -20.35 10.94 14.75
N ALA A 346 -20.21 12.16 15.20
CA ALA A 346 -18.94 12.78 15.49
C ALA A 346 -18.15 11.84 16.39
N GLY A 347 -16.90 11.60 16.04
CA GLY A 347 -16.00 10.71 16.77
C GLY A 347 -16.02 9.29 16.24
N ASP A 348 -16.98 8.93 15.43
CA ASP A 348 -17.02 7.55 14.89
C ASP A 348 -15.88 7.39 13.90
N ARG A 349 -15.27 6.23 13.90
CA ARG A 349 -14.20 5.84 12.93
C ARG A 349 -14.80 5.09 11.76
N LEU A 350 -14.11 5.22 10.62
CA LEU A 350 -14.45 4.65 9.33
C LEU A 350 -13.27 3.88 8.83
N MET A 351 -13.49 2.75 8.19
CA MET A 351 -12.46 1.95 7.53
C MET A 351 -12.76 2.00 6.05
N LEU A 352 -11.84 2.58 5.27
CA LEU A 352 -12.01 2.75 3.81
C LEU A 352 -11.55 1.51 3.10
N LEU A 353 -12.45 0.74 2.51
CA LEU A 353 -12.07 -0.60 1.98
C LEU A 353 -11.83 -0.47 0.46
N PHE A 354 -10.63 -0.05 0.07
CA PHE A 354 -10.34 0.20 -1.35
C PHE A 354 -10.56 -1.07 -2.16
N GLN A 355 -10.23 -2.25 -1.64
CA GLN A 355 -10.38 -3.48 -2.45
C GLN A 355 -11.86 -3.69 -2.76
N SER A 356 -12.74 -3.41 -1.83
CA SER A 356 -14.20 -3.58 -2.02
C SER A 356 -14.76 -2.56 -3.02
N GLY A 357 -14.29 -1.32 -2.97
CA GLY A 357 -14.68 -0.31 -3.96
C GLY A 357 -14.33 -0.78 -5.37
N ASN A 358 -13.20 -1.44 -5.52
CA ASN A 358 -12.72 -1.99 -6.80
C ASN A 358 -13.50 -3.21 -7.28
N ARG A 359 -14.46 -3.73 -6.52
CA ARG A 359 -15.31 -4.85 -6.99
C ARG A 359 -16.78 -4.40 -7.01
N ASP A 360 -17.02 -3.10 -6.92
CA ASP A 360 -18.41 -2.57 -6.85
C ASP A 360 -19.10 -2.76 -8.21
N ALA A 361 -20.13 -3.58 -8.23
CA ALA A 361 -20.84 -3.91 -9.50
C ALA A 361 -21.59 -2.71 -10.03
N GLU A 362 -21.84 -1.67 -9.25
CA GLU A 362 -22.46 -0.45 -9.79
C GLU A 362 -21.49 0.29 -10.66
N VAL A 363 -20.18 0.05 -10.56
CA VAL A 363 -19.16 0.75 -11.32
C VAL A 363 -18.52 -0.16 -12.34
N PHE A 364 -18.22 -1.42 -11.99
CA PHE A 364 -17.51 -2.36 -12.85
C PHE A 364 -18.43 -3.54 -13.23
N ASP A 365 -18.57 -3.73 -14.54
CA ASP A 365 -19.34 -4.88 -15.06
C ASP A 365 -18.50 -6.14 -14.79
N ARG A 366 -19.13 -7.20 -14.28
CA ARG A 366 -18.44 -8.48 -13.96
C ARG A 366 -17.16 -8.15 -13.20
N PRO A 367 -17.35 -7.59 -12.01
CA PRO A 367 -16.20 -6.99 -11.31
C PRO A 367 -15.14 -8.00 -10.88
N ASP A 368 -15.47 -9.29 -10.78
CA ASP A 368 -14.44 -10.26 -10.39
C ASP A 368 -13.70 -10.81 -11.60
N ASP A 369 -14.08 -10.38 -12.80
CA ASP A 369 -13.38 -10.85 -13.99
C ASP A 369 -12.16 -10.01 -14.24
N PHE A 370 -11.09 -10.61 -14.74
CA PHE A 370 -9.89 -9.93 -15.19
C PHE A 370 -10.11 -9.45 -16.61
N ASP A 371 -10.38 -8.18 -16.82
CA ASP A 371 -10.81 -7.67 -18.15
C ASP A 371 -9.99 -6.42 -18.45
N ILE A 372 -8.93 -6.54 -19.23
CA ILE A 372 -8.06 -5.38 -19.54
C ILE A 372 -8.80 -4.38 -20.46
N ASP A 373 -9.96 -4.71 -21.00
CA ASP A 373 -10.65 -3.82 -21.97
C ASP A 373 -11.60 -2.85 -21.28
N ARG A 374 -11.54 -2.71 -19.94
CA ARG A 374 -12.26 -1.61 -19.25
C ARG A 374 -11.60 -0.27 -19.59
N ARG A 375 -12.27 0.57 -20.36
CA ARG A 375 -11.71 1.85 -20.85
C ARG A 375 -12.86 2.84 -20.76
N PRO A 376 -12.75 3.84 -19.84
CA PRO A 376 -11.64 3.93 -18.90
C PRO A 376 -11.78 2.91 -17.75
N ASN A 377 -10.64 2.61 -17.17
CA ASN A 377 -10.59 1.70 -16.00
C ASN A 377 -10.65 2.58 -14.74
N LYS A 378 -11.82 2.66 -14.15
CA LYS A 378 -12.16 3.63 -13.09
C LYS A 378 -11.64 3.19 -11.70
N HIS A 379 -10.64 2.31 -11.60
CA HIS A 379 -10.21 1.80 -10.29
C HIS A 379 -9.82 2.93 -9.34
N ILE A 380 -10.00 2.55 -8.05
CA ILE A 380 -9.71 3.38 -6.87
C ILE A 380 -8.57 2.71 -6.07
N ALA A 381 -7.67 1.95 -6.71
CA ALA A 381 -6.58 1.28 -5.97
C ALA A 381 -5.60 2.26 -5.35
N PHE A 382 -5.54 3.53 -5.84
CA PHE A 382 -4.67 4.58 -5.26
C PHE A 382 -5.48 5.49 -4.31
N GLY A 383 -6.72 5.17 -4.01
CA GLY A 383 -7.55 6.03 -3.18
C GLY A 383 -7.97 7.28 -3.91
N TYR A 384 -8.20 8.36 -3.17
CA TYR A 384 -8.97 9.49 -3.66
C TYR A 384 -8.75 10.62 -2.70
N GLY A 385 -9.06 11.84 -3.13
CA GLY A 385 -8.94 12.99 -2.26
C GLY A 385 -7.51 13.43 -2.08
N PRO A 386 -7.30 14.40 -1.16
CA PRO A 386 -5.96 14.96 -0.98
C PRO A 386 -4.90 13.93 -0.55
N HIS A 387 -5.31 12.85 0.11
CA HIS A 387 -4.38 11.75 0.48
C HIS A 387 -4.16 10.75 -0.66
N MET A 388 -4.77 10.94 -1.83
CA MET A 388 -4.59 9.97 -2.92
C MET A 388 -3.09 9.70 -3.11
N CYS A 389 -2.73 8.45 -3.37
CA CYS A 389 -1.34 8.00 -3.46
C CYS A 389 -0.47 9.01 -4.18
N ILE A 390 0.59 9.46 -3.55
CA ILE A 390 1.55 10.36 -4.21
C ILE A 390 2.38 9.57 -5.19
N GLY A 391 2.61 8.30 -4.96
CA GLY A 391 3.52 7.51 -5.82
C GLY A 391 2.86 6.91 -7.04
N GLN A 392 1.61 7.20 -7.27
CA GLN A 392 0.83 6.46 -8.31
C GLN A 392 1.50 6.55 -9.67
N HIS A 393 2.05 7.68 -10.03
CA HIS A 393 2.61 7.78 -11.39
C HIS A 393 3.90 7.04 -11.47
N LEU A 394 4.70 6.97 -10.41
CA LEU A 394 5.93 6.16 -10.39
C LEU A 394 5.59 4.67 -10.47
N ALA A 395 4.59 4.24 -9.72
CA ALA A 395 4.16 2.82 -9.76
C ALA A 395 3.70 2.45 -11.18
N LYS A 396 2.93 3.30 -11.80
CA LYS A 396 2.40 3.00 -13.17
C LYS A 396 3.57 2.99 -14.15
N LEU A 397 4.55 3.85 -14.00
CA LEU A 397 5.72 3.86 -14.92
C LEU A 397 6.52 2.60 -14.70
N GLU A 398 6.85 2.24 -13.46
CA GLU A 398 7.70 1.06 -13.21
C GLU A 398 7.01 -0.19 -13.74
N LEU A 399 5.71 -0.34 -13.54
CA LEU A 399 4.97 -1.54 -13.99
C LEU A 399 4.93 -1.58 -15.51
N LYS A 400 4.72 -0.44 -16.15
CA LYS A 400 4.71 -0.38 -17.63
C LYS A 400 6.07 -0.79 -18.14
N VAL A 401 7.13 -0.20 -17.63
CA VAL A 401 8.47 -0.47 -18.16
C VAL A 401 8.81 -1.93 -17.94
N MET A 402 8.59 -2.48 -16.74
CA MET A 402 8.93 -3.88 -16.50
C MET A 402 8.12 -4.75 -17.44
N LEU A 403 6.83 -4.54 -17.65
CA LEU A 403 6.04 -5.45 -18.52
C LEU A 403 6.50 -5.29 -19.98
N GLN A 404 6.81 -4.08 -20.39
CA GLN A 404 7.30 -3.89 -21.79
C GLN A 404 8.54 -4.75 -21.99
N GLU A 405 9.44 -4.86 -21.05
CA GLU A 405 10.73 -5.60 -21.19
C GLU A 405 10.50 -7.09 -20.96
N LEU A 406 9.62 -7.46 -20.02
CA LEU A 406 9.48 -8.87 -19.61
C LEU A 406 8.60 -9.65 -20.56
N LEU A 407 7.42 -9.17 -20.94
CA LEU A 407 6.42 -10.00 -21.61
C LEU A 407 6.99 -10.55 -22.93
N PRO A 408 7.81 -9.84 -23.71
CA PRO A 408 8.35 -10.46 -24.91
C PRO A 408 9.11 -11.78 -24.63
N HIS A 409 9.65 -11.93 -23.42
CA HIS A 409 10.49 -13.10 -23.00
C HIS A 409 9.60 -14.23 -22.49
N LEU A 410 8.31 -14.01 -22.26
CA LEU A 410 7.42 -15.04 -21.67
C LEU A 410 6.49 -15.58 -22.73
N GLU A 411 6.41 -16.90 -22.87
CA GLU A 411 5.36 -17.52 -23.69
C GLU A 411 4.16 -17.91 -22.84
N ARG A 412 4.41 -18.34 -21.59
CA ARG A 412 3.37 -18.87 -20.68
C ARG A 412 3.89 -18.82 -19.22
N VAL A 413 2.95 -18.48 -18.36
CA VAL A 413 3.12 -18.55 -16.87
C VAL A 413 2.20 -19.63 -16.37
N GLU A 414 2.77 -20.59 -15.63
CA GLU A 414 2.00 -21.57 -14.88
C GLU A 414 2.30 -21.44 -13.38
N VAL A 415 1.25 -21.44 -12.58
CA VAL A 415 1.43 -21.47 -11.10
C VAL A 415 1.58 -22.95 -10.74
N SER A 416 2.70 -23.29 -10.14
CA SER A 416 3.12 -24.71 -9.96
C SER A 416 3.05 -25.11 -8.49
N GLY A 417 2.64 -24.19 -7.64
CA GLY A 417 2.63 -24.47 -6.19
C GLY A 417 1.70 -23.49 -5.54
N GLU A 418 1.56 -23.56 -4.22
CA GLU A 418 0.51 -22.81 -3.50
C GLU A 418 0.91 -21.35 -3.32
N PRO A 419 0.07 -20.41 -3.81
CA PRO A 419 0.33 -19.01 -3.53
C PRO A 419 0.15 -18.76 -2.03
N LYS A 420 0.87 -17.78 -1.57
CA LYS A 420 0.75 -17.32 -0.17
C LYS A 420 0.63 -15.80 -0.16
N LEU A 421 -0.35 -15.33 0.62
CA LEU A 421 -0.56 -13.89 0.86
C LEU A 421 0.07 -13.50 2.18
N ILE A 422 0.47 -12.26 2.30
CA ILE A 422 0.75 -11.65 3.62
C ILE A 422 -0.55 -11.53 4.39
N GLN A 423 -0.57 -11.96 5.65
CA GLN A 423 -1.74 -11.86 6.49
C GLN A 423 -1.72 -10.47 7.12
N THR A 424 -2.55 -9.60 6.59
CA THR A 424 -2.65 -8.19 7.01
C THR A 424 -4.00 -7.66 6.57
N ASN A 425 -4.53 -6.70 7.33
CA ASN A 425 -5.68 -5.88 6.86
C ASN A 425 -5.18 -4.57 6.24
N PHE A 426 -3.89 -4.39 6.06
CA PHE A 426 -3.32 -3.09 5.65
C PHE A 426 -2.67 -3.21 4.27
N VAL A 427 -1.38 -3.46 4.16
CA VAL A 427 -0.66 -3.51 2.87
C VAL A 427 -0.25 -4.95 2.61
N GLY A 428 -1.06 -5.60 1.78
CA GLY A 428 -0.98 -7.05 1.58
C GLY A 428 -0.57 -7.43 0.18
N GLY A 429 -1.09 -8.54 -0.26
CA GLY A 429 -0.70 -9.12 -1.54
C GLY A 429 0.21 -10.31 -1.38
N LEU A 430 0.67 -10.86 -2.48
CA LEU A 430 1.42 -12.12 -2.46
C LEU A 430 2.77 -11.91 -1.83
N ARG A 431 3.17 -12.93 -1.02
CA ARG A 431 4.56 -13.12 -0.57
C ARG A 431 5.22 -14.32 -1.28
N LYS A 432 4.40 -15.13 -1.93
CA LYS A 432 4.97 -16.35 -2.61
C LYS A 432 4.04 -16.74 -3.73
N LEU A 433 4.65 -16.98 -4.90
CA LEU A 433 3.91 -17.45 -6.09
C LEU A 433 4.80 -18.39 -6.89
N PRO A 434 4.80 -19.70 -6.52
CA PRO A 434 5.66 -20.67 -7.22
C PRO A 434 5.16 -20.83 -8.66
N VAL A 435 6.09 -20.64 -9.60
CA VAL A 435 5.73 -20.70 -11.05
C VAL A 435 6.68 -21.64 -11.78
N HIS A 436 6.15 -22.04 -12.93
CA HIS A 436 6.88 -22.62 -14.09
C HIS A 436 6.64 -21.73 -15.31
N LEU A 437 7.73 -21.13 -15.76
CA LEU A 437 7.69 -20.18 -16.89
C LEU A 437 8.08 -20.96 -18.14
N THR A 438 7.46 -20.62 -19.25
CA THR A 438 7.92 -21.04 -20.58
C THR A 438 8.44 -19.77 -21.23
N PHE A 439 9.72 -19.73 -21.55
CA PHE A 439 10.41 -18.58 -22.19
C PHE A 439 10.19 -18.66 -23.71
N SER A 440 10.10 -17.51 -24.38
CA SER A 440 9.90 -17.41 -25.85
C SER A 440 11.21 -17.71 -26.59
#